data_5GXG
#
_entry.id   5GXG
#
_cell.length_a   101.490
_cell.length_b   77.956
_cell.length_c   59.968
_cell.angle_alpha   90.00
_cell.angle_beta   95.51
_cell.angle_gamma   90.00
#
_symmetry.space_group_name_H-M   'C 1 2 1'
#
loop_
_entity.id
_entity.type
_entity.pdbx_description
1 polymer 'Camphor 5-monooxygenase'
2 polymer Putidaredoxin
3 non-polymer 'PROTOPORPHYRIN IX CONTAINING FE'
4 non-polymer 'SULFATE ION'
5 non-polymer 2,3-DIHYDROXY-1,4-DITHIOBUTANE
6 non-polymer 'FE2/S2 (INORGANIC) CLUSTER'
7 water water
#
loop_
_entity_poly.entity_id
_entity_poly.type
_entity_poly.pdbx_seq_one_letter_code
_entity_poly.pdbx_strand_id
1 'polypeptide(L)'
;MGTTETIQSNANLAPLPPHVPEHLVFDFDMYNPSNLSAGVQEAWAVLQESNVPDLVWTRCNGGHWIATRGQLIREAYEDY
RHFSSECPFIPREAGEAYDFIPTSMDPPEQRQFRALANQVVGMPVVDCLENCIQELACSLIESLRPQGQCNFTEDYAEPF
PIRIFMLLAGLPEEDIPHLKYLTDQMTRPDGSMTFAEAKEALYDYLIPIIEQRRQKPGTDAISIVANGQVNGRPITSDEA
KRMCGLLLVGGLDTVVNFLSFSMEFLAKSPEHRQELIERPERIPAACEELLRRFSLVADGRILTSDYEFHGVQLKKGDQI
LLPQMLSGLDERENAAPMHVDFSRQKVSHTTFGHGSHLCLGQHLARREIIVTLKEWLTRIPDFSIAPGAQIQHKSGIVSG
VQALPLVWDPATTKAV
;
A
2 'polypeptide(L)'
;MGSKVVYVSHDGTRRELDVADGVSLMQAAVSNGIYDIVGDCGGSASCATCHVYVNEAFTDKVPAANEREIGMLECVTAEL
KPNSRLCCQIIMTPELDGIVVDVPDRQW
;
B
#
loop_
_chem_comp.id
_chem_comp.type
_chem_comp.name
_chem_comp.formula
DTT non-polymer 2,3-DIHYDROXY-1,4-DITHIOBUTANE 'C4 H10 O2 S2'
FES non-polymer 'FE2/S2 (INORGANIC) CLUSTER' 'Fe2 S2'
HEM non-polymer 'PROTOPORPHYRIN IX CONTAINING FE' 'C34 H32 Fe N4 O4'
SO4 non-polymer 'SULFATE ION' 'O4 S -2'
#
# COMPACT_ATOMS: atom_id res chain seq x y z
N ASN A 12 -6.79 -25.99 14.06
CA ASN A 12 -5.85 -27.00 14.57
C ASN A 12 -4.52 -26.33 14.99
N LEU A 13 -3.99 -26.86 16.09
CA LEU A 13 -2.96 -26.24 16.92
C LEU A 13 -1.63 -27.03 16.88
N ALA A 14 -0.57 -26.43 16.38
CA ALA A 14 0.73 -27.03 16.24
C ALA A 14 1.32 -27.13 17.65
N PRO A 15 2.05 -28.22 17.94
CA PRO A 15 2.58 -28.26 19.31
C PRO A 15 3.50 -27.10 19.61
N LEU A 16 3.37 -26.61 20.82
CA LEU A 16 4.12 -25.44 21.29
C LEU A 16 5.60 -25.74 21.29
N PRO A 17 6.42 -25.00 20.53
CA PRO A 17 7.86 -25.24 20.59
C PRO A 17 8.40 -24.92 21.97
N PRO A 18 9.40 -25.69 22.44
CA PRO A 18 9.71 -25.40 23.84
C PRO A 18 10.40 -24.01 24.12
N HIS A 19 10.91 -23.33 23.08
CA HIS A 19 11.48 -21.99 23.24
C HIS A 19 10.42 -20.95 23.44
N VAL A 20 9.15 -21.32 23.21
CA VAL A 20 8.05 -20.32 23.38
C VAL A 20 7.43 -20.39 24.78
N PRO A 21 7.45 -19.29 25.56
CA PRO A 21 6.85 -19.24 26.87
C PRO A 21 5.34 -19.46 26.80
N GLU A 22 4.80 -20.31 27.67
CA GLU A 22 3.37 -20.61 27.67
C GLU A 22 2.54 -19.33 27.87
N HIS A 23 3.02 -18.36 28.65
CA HIS A 23 2.18 -17.21 29.00
C HIS A 23 2.06 -16.26 27.78
N LEU A 24 2.83 -16.55 26.72
CA LEU A 24 2.71 -15.73 25.48
C LEU A 24 1.80 -16.35 24.46
N VAL A 25 1.17 -17.47 24.78
CA VAL A 25 0.31 -18.16 23.77
C VAL A 25 -1.06 -17.50 23.69
N PHE A 26 -1.46 -17.06 22.49
CA PHE A 26 -2.76 -16.49 22.21
C PHE A 26 -3.14 -17.06 20.83
N ASP A 27 -4.06 -18.02 20.79
CA ASP A 27 -4.25 -18.82 19.58
C ASP A 27 -5.22 -18.12 18.62
N PHE A 28 -4.78 -16.97 18.14
CA PHE A 28 -5.49 -16.26 17.04
C PHE A 28 -5.25 -16.94 15.71
N ASP A 29 -6.33 -17.13 14.94
CA ASP A 29 -6.28 -17.69 13.63
C ASP A 29 -6.64 -16.59 12.60
N MET A 30 -5.60 -16.14 11.89
CA MET A 30 -5.73 -15.02 10.98
C MET A 30 -6.64 -15.31 9.78
N TYR A 31 -6.85 -16.61 9.51
CA TYR A 31 -7.84 -17.02 8.47
C TYR A 31 -9.27 -17.23 8.96
N ASN A 32 -9.46 -17.31 10.26
CA ASN A 32 -10.73 -17.61 10.91
C ASN A 32 -10.83 -17.06 12.29
N PRO A 33 -10.80 -15.72 12.43
CA PRO A 33 -10.77 -15.16 13.76
C PRO A 33 -12.15 -15.19 14.41
N SER A 34 -12.23 -15.32 15.75
CA SER A 34 -13.54 -15.27 16.41
C SER A 34 -14.17 -13.91 16.21
N ASN A 35 -15.49 -13.87 16.24
CA ASN A 35 -16.29 -12.62 16.18
C ASN A 35 -16.07 -11.83 14.90
N LEU A 36 -15.84 -12.57 13.83
CA LEU A 36 -15.74 -12.00 12.51
C LEU A 36 -17.06 -11.31 12.11
N SER A 37 -18.20 -11.68 12.70
CA SER A 37 -19.45 -10.95 12.42
C SER A 37 -19.46 -9.57 13.05
N ALA A 38 -18.56 -9.26 14.00
CA ALA A 38 -18.47 -7.90 14.55
C ALA A 38 -17.71 -6.98 13.58
N GLY A 39 -17.14 -7.56 12.53
CA GLY A 39 -16.28 -6.85 11.59
C GLY A 39 -14.86 -7.38 11.59
N VAL A 40 -14.15 -7.17 10.48
CA VAL A 40 -12.80 -7.74 10.34
C VAL A 40 -11.84 -7.05 11.30
N GLN A 41 -11.85 -5.72 11.28
CA GLN A 41 -10.89 -4.99 12.03
C GLN A 41 -11.19 -5.18 13.54
N GLU A 42 -12.49 -5.24 13.88
CA GLU A 42 -12.88 -5.59 15.26
C GLU A 42 -12.41 -6.96 15.70
N ALA A 43 -12.49 -7.95 14.82
CA ALA A 43 -11.99 -9.25 15.11
C ALA A 43 -10.49 -9.29 15.38
N TRP A 44 -9.72 -8.51 14.60
CA TRP A 44 -8.29 -8.50 14.76
C TRP A 44 -7.90 -7.68 16.02
N ALA A 45 -8.67 -6.65 16.34
CA ALA A 45 -8.37 -5.81 17.48
C ALA A 45 -8.45 -6.51 18.82
N VAL A 46 -8.97 -7.74 18.84
CA VAL A 46 -8.85 -8.59 20.05
C VAL A 46 -7.42 -8.80 20.47
N LEU A 47 -6.50 -8.67 19.53
CA LEU A 47 -5.08 -8.75 19.81
C LEU A 47 -4.54 -7.57 20.58
N GLN A 48 -5.35 -6.51 20.75
CA GLN A 48 -4.92 -5.28 21.31
C GLN A 48 -5.68 -4.99 22.63
N GLU A 49 -6.40 -5.95 23.12
CA GLU A 49 -7.01 -5.74 24.47
C GLU A 49 -5.87 -5.64 25.55
N SER A 50 -6.17 -5.04 26.71
CA SER A 50 -5.08 -4.58 27.60
C SER A 50 -4.27 -5.73 28.24
N ASN A 51 -4.87 -6.90 28.40
CA ASN A 51 -4.15 -8.06 28.93
C ASN A 51 -3.30 -8.83 27.90
N VAL A 52 -3.45 -8.55 26.60
CA VAL A 52 -2.64 -9.25 25.58
C VAL A 52 -1.29 -8.64 25.42
N PRO A 53 -0.24 -9.46 25.48
CA PRO A 53 1.12 -8.97 25.35
C PRO A 53 1.39 -8.33 23.99
N ASP A 54 2.42 -7.49 23.90
CA ASP A 54 2.86 -6.84 22.64
C ASP A 54 3.29 -7.84 21.56
N LEU A 55 3.76 -8.99 22.00
CA LEU A 55 4.27 -10.02 21.13
C LEU A 55 3.77 -11.36 21.63
N VAL A 56 2.96 -12.05 20.80
CA VAL A 56 2.32 -13.31 21.17
C VAL A 56 2.71 -14.41 20.19
N TRP A 57 2.55 -15.64 20.65
CA TRP A 57 2.63 -16.80 19.76
C TRP A 57 1.27 -17.45 19.60
N THR A 58 0.88 -17.71 18.34
CA THR A 58 -0.28 -18.50 18.09
C THR A 58 0.16 -19.88 17.64
N ARG A 59 -0.52 -20.93 18.12
CA ARG A 59 -0.28 -22.29 17.60
C ARG A 59 -1.03 -22.62 16.28
N CYS A 60 -1.84 -21.69 15.82
CA CYS A 60 -2.56 -21.85 14.55
C CYS A 60 -1.68 -21.70 13.40
N ASN A 61 -2.08 -22.24 12.25
CA ASN A 61 -1.40 -22.04 10.96
C ASN A 61 0.05 -22.36 11.05
N GLY A 62 0.36 -23.48 11.74
CA GLY A 62 1.73 -23.94 11.82
C GLY A 62 2.47 -23.44 13.06
N GLY A 63 1.98 -22.37 13.72
CA GLY A 63 2.77 -21.72 14.78
C GLY A 63 3.58 -20.56 14.28
N HIS A 64 3.28 -19.35 14.82
CA HIS A 64 4.06 -18.18 14.48
C HIS A 64 3.82 -17.09 15.52
N TRP A 65 4.71 -16.13 15.53
CA TRP A 65 4.62 -14.97 16.34
C TRP A 65 3.63 -14.00 15.66
N ILE A 66 3.09 -13.11 16.51
CA ILE A 66 2.33 -11.94 16.04
C ILE A 66 2.74 -10.74 16.92
N ALA A 67 3.19 -9.68 16.30
CA ALA A 67 3.36 -8.35 16.95
C ALA A 67 2.07 -7.59 16.89
N THR A 68 1.65 -7.08 18.05
CA THR A 68 0.33 -6.53 18.18
C THR A 68 0.22 -5.02 18.20
N ARG A 69 1.36 -4.35 18.24
CA ARG A 69 1.41 -2.93 18.46
C ARG A 69 2.24 -2.28 17.39
N GLY A 70 1.76 -1.09 17.01
CA GLY A 70 2.43 -0.35 15.97
C GLY A 70 3.91 -0.13 16.09
N GLN A 71 4.34 0.10 17.32
CA GLN A 71 5.72 0.40 17.56
C GLN A 71 6.61 -0.79 17.19
N LEU A 72 6.18 -1.99 17.55
CA LEU A 72 6.92 -3.22 17.24
C LEU A 72 6.83 -3.53 15.72
N ILE A 73 5.64 -3.33 15.18
CA ILE A 73 5.45 -3.59 13.71
C ILE A 73 6.43 -2.73 12.92
N ARG A 74 6.44 -1.40 13.18
CA ARG A 74 7.35 -0.53 12.50
C ARG A 74 8.80 -0.89 12.68
N GLU A 75 9.21 -1.12 13.92
CA GLU A 75 10.60 -1.49 14.17
C GLU A 75 11.06 -2.75 13.37
N ALA A 76 10.24 -3.81 13.39
CA ALA A 76 10.50 -5.08 12.65
C ALA A 76 10.57 -4.86 11.15
N TYR A 77 9.70 -4.00 10.60
CA TYR A 77 9.77 -3.69 9.20
C TYR A 77 10.96 -2.84 8.78
N GLU A 78 11.57 -2.17 9.74
CA GLU A 78 12.79 -1.39 9.53
C GLU A 78 14.06 -2.23 9.65
N ASP A 79 13.94 -3.52 9.95
CA ASP A 79 15.15 -4.35 10.22
C ASP A 79 15.07 -5.63 9.39
N TYR A 80 15.38 -5.55 8.10
CA TYR A 80 15.28 -6.73 7.25
C TYR A 80 16.46 -7.71 7.52
N ARG A 81 17.51 -7.21 8.16
CA ARG A 81 18.64 -8.09 8.56
C ARG A 81 18.16 -9.22 9.47
N HIS A 82 17.29 -8.92 10.44
CA HIS A 82 16.73 -9.93 11.31
C HIS A 82 15.39 -10.49 10.81
N PHE A 83 14.56 -9.63 10.19
CA PHE A 83 13.20 -9.98 9.73
C PHE A 83 13.14 -9.95 8.22
N SER A 84 13.46 -11.08 7.60
CA SER A 84 13.57 -11.21 6.15
C SER A 84 12.27 -11.38 5.41
N SER A 85 12.16 -10.81 4.21
CA SER A 85 11.01 -11.09 3.37
C SER A 85 11.05 -12.42 2.62
N GLU A 86 12.06 -13.26 2.87
CA GLU A 86 12.22 -14.46 2.07
C GLU A 86 10.98 -15.34 2.19
N CYS A 87 10.30 -15.28 3.36
CA CYS A 87 9.10 -16.06 3.59
CA CYS A 87 9.12 -16.04 3.57
C CYS A 87 8.06 -15.13 4.22
N PRO A 88 7.35 -14.37 3.39
CA PRO A 88 6.52 -13.26 3.91
C PRO A 88 5.10 -13.67 4.28
N PHE A 89 4.70 -14.90 3.94
CA PHE A 89 3.36 -15.33 4.16
C PHE A 89 3.30 -16.50 5.12
N ILE A 90 2.22 -16.49 5.89
CA ILE A 90 1.81 -17.56 6.78
C ILE A 90 0.49 -18.24 6.27
N PRO A 91 0.42 -19.58 6.22
CA PRO A 91 1.54 -20.50 6.51
C PRO A 91 2.67 -20.52 5.51
N ARG A 92 3.79 -21.07 5.95
CA ARG A 92 5.03 -21.17 5.16
C ARG A 92 4.84 -21.75 3.71
N GLU A 93 3.84 -22.62 3.52
CA GLU A 93 3.43 -23.13 2.20
C GLU A 93 2.28 -22.29 1.62
N TYR A 98 3.73 -19.35 -5.08
CA TYR A 98 3.81 -17.88 -5.04
C TYR A 98 5.20 -17.28 -5.28
N ASP A 99 5.46 -16.78 -6.48
CA ASP A 99 6.83 -16.33 -6.71
C ASP A 99 6.85 -14.81 -6.63
N PHE A 100 5.86 -14.14 -7.24
CA PHE A 100 5.91 -12.75 -7.72
C PHE A 100 7.11 -11.96 -7.20
N ILE A 101 7.53 -10.94 -7.97
CA ILE A 101 8.71 -10.10 -7.62
C ILE A 101 8.20 -8.71 -7.38
N PRO A 102 8.68 -7.98 -6.35
CA PRO A 102 9.83 -8.31 -5.49
C PRO A 102 9.41 -8.69 -4.03
N THR A 103 8.23 -9.23 -3.87
CA THR A 103 7.62 -9.54 -2.56
C THR A 103 8.57 -10.25 -1.61
N SER A 104 9.29 -11.24 -2.16
CA SER A 104 10.13 -12.12 -1.35
C SER A 104 11.61 -11.70 -1.36
N MET A 105 11.96 -10.54 -1.91
CA MET A 105 13.37 -10.12 -2.00
C MET A 105 13.64 -9.12 -0.94
N ASP A 106 14.79 -9.19 -0.30
CA ASP A 106 15.28 -8.11 0.52
C ASP A 106 16.20 -7.16 -0.31
N PRO A 107 16.42 -5.92 0.17
CA PRO A 107 17.56 -5.16 -0.41
C PRO A 107 18.83 -5.98 -0.17
N PRO A 108 19.83 -5.82 -1.04
CA PRO A 108 19.87 -4.76 -2.07
C PRO A 108 19.12 -5.14 -3.36
N GLU A 109 18.96 -6.42 -3.67
CA GLU A 109 18.37 -6.84 -4.94
C GLU A 109 16.95 -6.30 -5.15
N GLN A 110 16.16 -6.23 -4.08
CA GLN A 110 14.81 -5.69 -4.20
C GLN A 110 14.82 -4.29 -4.85
N ARG A 111 15.84 -3.46 -4.62
CA ARG A 111 15.88 -2.07 -5.09
CA ARG A 111 15.83 -2.09 -5.10
C ARG A 111 15.83 -2.01 -6.60
N GLN A 112 16.41 -3.03 -7.26
CA GLN A 112 16.41 -3.11 -8.76
C GLN A 112 15.03 -3.13 -9.28
N PHE A 113 14.15 -3.92 -8.62
CA PHE A 113 12.79 -4.07 -9.06
C PHE A 113 11.88 -2.94 -8.62
N ARG A 114 12.19 -2.28 -7.50
CA ARG A 114 11.51 -1.02 -7.11
C ARG A 114 11.75 0.06 -8.15
N ALA A 115 12.96 0.15 -8.64
CA ALA A 115 13.30 1.19 -9.61
C ALA A 115 12.51 0.98 -10.90
N LEU A 116 12.39 -0.26 -11.31
CA LEU A 116 11.66 -0.56 -12.56
C LEU A 116 10.18 -0.36 -12.37
N ALA A 117 9.61 -0.83 -11.25
CA ALA A 117 8.21 -0.64 -10.98
C ALA A 117 7.85 0.82 -10.88
N ASN A 118 8.77 1.63 -10.37
CA ASN A 118 8.44 3.05 -10.27
C ASN A 118 8.26 3.70 -11.64
N GLN A 119 8.83 3.09 -12.68
CA GLN A 119 8.66 3.67 -14.01
C GLN A 119 7.27 3.54 -14.50
N VAL A 120 6.49 2.62 -13.98
CA VAL A 120 5.15 2.34 -14.42
C VAL A 120 4.02 2.71 -13.47
N VAL A 121 4.26 2.79 -12.14
CA VAL A 121 3.24 3.18 -11.20
C VAL A 121 3.66 4.28 -10.20
N GLY A 122 4.77 4.89 -10.49
CA GLY A 122 5.33 5.97 -9.73
C GLY A 122 4.50 7.24 -9.78
N MET A 123 4.80 8.17 -8.87
CA MET A 123 4.02 9.38 -8.81
C MET A 123 3.89 10.16 -10.13
N PRO A 124 4.94 10.30 -10.95
CA PRO A 124 4.74 10.94 -12.22
C PRO A 124 3.64 10.27 -13.15
N VAL A 125 3.64 8.95 -13.21
CA VAL A 125 2.60 8.25 -13.96
C VAL A 125 1.21 8.46 -13.34
N VAL A 126 1.12 8.41 -12.02
CA VAL A 126 -0.13 8.64 -11.31
C VAL A 126 -0.68 10.09 -11.54
N ASP A 127 0.23 11.07 -11.47
CA ASP A 127 -0.21 12.48 -11.75
C ASP A 127 -0.70 12.51 -13.19
N CYS A 128 0.01 11.87 -14.07
CA CYS A 128 -0.30 11.90 -15.55
C CYS A 128 -1.65 11.27 -15.82
N LEU A 129 -1.95 10.20 -15.09
CA LEU A 129 -3.19 9.45 -15.31
C LEU A 129 -4.43 9.94 -14.66
N GLU A 130 -4.35 10.99 -13.84
CA GLU A 130 -5.46 11.42 -12.99
C GLU A 130 -6.74 11.64 -13.78
N ASN A 131 -6.61 12.31 -14.94
CA ASN A 131 -7.86 12.59 -15.66
C ASN A 131 -8.47 11.33 -16.23
N CYS A 132 -7.62 10.40 -16.67
CA CYS A 132 -8.13 9.15 -17.22
C CYS A 132 -8.85 8.35 -16.13
N ILE A 133 -8.21 8.32 -14.94
CA ILE A 133 -8.84 7.66 -13.81
C ILE A 133 -10.19 8.24 -13.40
N GLN A 134 -10.33 9.58 -13.42
CA GLN A 134 -11.59 10.23 -13.17
C GLN A 134 -12.61 9.85 -14.22
N GLU A 135 -12.17 9.83 -15.47
CA GLU A 135 -13.13 9.47 -16.54
C GLU A 135 -13.65 8.03 -16.41
N LEU A 136 -12.76 7.12 -16.05
CA LEU A 136 -13.11 5.71 -15.84
CA LEU A 136 -13.17 5.75 -15.86
C LEU A 136 -14.15 5.61 -14.71
N ALA A 137 -13.89 6.28 -13.58
CA ALA A 137 -14.76 6.26 -12.47
C ALA A 137 -16.17 6.83 -12.87
N CYS A 138 -16.15 7.96 -13.56
CA CYS A 138 -17.41 8.64 -13.93
C CYS A 138 -18.23 7.71 -14.85
N SER A 139 -17.56 7.06 -15.77
CA SER A 139 -18.27 6.19 -16.75
C SER A 139 -18.94 5.02 -16.02
N LEU A 140 -18.21 4.40 -15.08
CA LEU A 140 -18.77 3.34 -14.31
C LEU A 140 -19.95 3.78 -13.48
N ILE A 141 -19.81 4.89 -12.76
CA ILE A 141 -20.76 5.35 -11.87
C ILE A 141 -22.01 5.81 -12.67
N GLU A 142 -21.79 6.44 -13.80
CA GLU A 142 -22.97 6.93 -14.59
C GLU A 142 -23.75 5.75 -15.10
N SER A 143 -23.08 4.64 -15.39
CA SER A 143 -23.76 3.42 -15.87
C SER A 143 -24.65 2.84 -14.76
N LEU A 144 -24.21 2.95 -13.52
CA LEU A 144 -24.94 2.42 -12.40
C LEU A 144 -26.08 3.30 -11.91
N ARG A 145 -25.88 4.62 -11.95
CA ARG A 145 -26.75 5.60 -11.30
C ARG A 145 -28.28 5.36 -11.47
N PRO A 146 -28.73 5.13 -12.74
CA PRO A 146 -30.18 5.02 -12.97
C PRO A 146 -30.83 3.73 -12.43
N GLN A 147 -30.02 2.72 -12.10
CA GLN A 147 -30.50 1.41 -11.73
C GLN A 147 -30.98 1.38 -10.30
N GLY A 148 -30.47 2.30 -9.45
CA GLY A 148 -30.86 2.35 -8.02
C GLY A 148 -30.32 1.23 -7.14
N GLN A 149 -29.35 0.54 -7.67
CA GLN A 149 -28.68 -0.57 -6.98
C GLN A 149 -27.48 -1.08 -7.70
N CYS A 150 -26.58 -1.73 -6.94
CA CYS A 150 -25.47 -2.43 -7.48
C CYS A 150 -24.86 -3.33 -6.39
N ASN A 151 -24.04 -4.29 -6.81
CA ASN A 151 -23.13 -4.98 -5.91
C ASN A 151 -21.84 -4.24 -6.16
N PHE A 152 -21.52 -3.34 -5.25
CA PHE A 152 -20.39 -2.47 -5.43
C PHE A 152 -19.13 -3.20 -5.68
N THR A 153 -18.93 -4.29 -4.98
CA THR A 153 -17.69 -5.05 -5.07
C THR A 153 -17.46 -5.52 -6.48
N GLU A 154 -18.50 -6.03 -7.12
CA GLU A 154 -18.37 -6.53 -8.48
C GLU A 154 -18.58 -5.49 -9.55
N ASP A 155 -19.40 -4.46 -9.25
CA ASP A 155 -19.88 -3.56 -10.28
C ASP A 155 -18.97 -2.33 -10.44
N TYR A 156 -18.23 -2.03 -9.38
CA TYR A 156 -17.33 -0.93 -9.38
C TYR A 156 -15.93 -1.31 -8.85
N ALA A 157 -15.90 -1.86 -7.68
CA ALA A 157 -14.63 -2.03 -6.94
C ALA A 157 -13.62 -2.88 -7.70
N GLU A 158 -14.10 -3.88 -8.45
CA GLU A 158 -13.21 -4.66 -9.33
C GLU A 158 -13.02 -4.09 -10.73
N PRO A 159 -14.10 -3.61 -11.40
CA PRO A 159 -13.89 -3.09 -12.75
C PRO A 159 -12.98 -1.89 -12.79
N PHE A 160 -13.06 -1.00 -11.76
CA PHE A 160 -12.22 0.20 -11.76
C PHE A 160 -10.72 -0.08 -11.82
N PRO A 161 -10.15 -0.77 -10.79
CA PRO A 161 -8.75 -1.04 -10.85
C PRO A 161 -8.34 -1.95 -12.00
N ILE A 162 -9.19 -2.90 -12.41
CA ILE A 162 -8.76 -3.71 -13.55
C ILE A 162 -8.73 -2.93 -14.83
N ARG A 163 -9.65 -1.99 -15.00
CA ARG A 163 -9.61 -1.14 -16.20
C ARG A 163 -8.39 -0.17 -16.19
N ILE A 164 -8.00 0.27 -14.97
CA ILE A 164 -6.79 1.03 -14.81
C ILE A 164 -5.57 0.23 -15.29
N PHE A 165 -5.49 -1.02 -14.91
CA PHE A 165 -4.40 -1.84 -15.31
C PHE A 165 -4.38 -2.04 -16.83
N MET A 166 -5.54 -2.21 -17.41
CA MET A 166 -5.59 -2.49 -18.88
C MET A 166 -5.13 -1.24 -19.60
N LEU A 167 -5.47 -0.09 -19.06
CA LEU A 167 -5.06 1.18 -19.60
C LEU A 167 -3.57 1.36 -19.49
N LEU A 168 -3.02 1.19 -18.30
CA LEU A 168 -1.55 1.31 -18.10
C LEU A 168 -0.75 0.29 -18.95
N ALA A 169 -1.25 -0.91 -19.01
CA ALA A 169 -0.57 -2.04 -19.69
C ALA A 169 -0.89 -2.15 -21.18
N GLY A 170 -1.71 -1.29 -21.71
CA GLY A 170 -2.01 -1.36 -23.18
C GLY A 170 -2.67 -2.65 -23.64
N LEU A 171 -3.66 -3.12 -22.86
CA LEU A 171 -4.33 -4.40 -23.09
C LEU A 171 -5.79 -4.14 -23.45
N PRO A 172 -6.38 -4.98 -24.32
CA PRO A 172 -7.69 -4.63 -24.78
C PRO A 172 -8.78 -5.05 -23.77
N GLU A 173 -9.78 -4.21 -23.76
CA GLU A 173 -11.01 -4.36 -23.02
C GLU A 173 -11.60 -5.77 -23.07
N GLU A 174 -11.55 -6.42 -24.26
CA GLU A 174 -12.06 -7.79 -24.43
C GLU A 174 -11.36 -8.86 -23.58
N ASP A 175 -10.17 -8.55 -23.02
CA ASP A 175 -9.47 -9.50 -22.16
C ASP A 175 -9.88 -9.40 -20.69
N ILE A 176 -10.70 -8.41 -20.34
CA ILE A 176 -11.07 -8.20 -18.93
C ILE A 176 -11.75 -9.41 -18.25
N PRO A 177 -12.69 -10.03 -18.95
CA PRO A 177 -13.33 -11.16 -18.33
C PRO A 177 -12.43 -12.31 -17.97
N HIS A 178 -11.51 -12.60 -18.86
CA HIS A 178 -10.57 -13.71 -18.61
C HIS A 178 -9.69 -13.36 -17.41
N LEU A 179 -9.18 -12.10 -17.39
CA LEU A 179 -8.26 -11.68 -16.30
C LEU A 179 -8.94 -11.55 -14.95
N LYS A 180 -10.17 -11.07 -14.98
CA LYS A 180 -10.99 -11.10 -13.77
C LYS A 180 -11.15 -12.50 -13.19
N TYR A 181 -11.48 -13.43 -14.06
CA TYR A 181 -11.68 -14.79 -13.68
C TYR A 181 -10.43 -15.40 -13.02
N LEU A 182 -9.27 -15.25 -13.70
CA LEU A 182 -8.06 -15.83 -13.15
C LEU A 182 -7.61 -15.15 -11.87
N THR A 183 -7.71 -13.81 -11.85
CA THR A 183 -7.34 -13.07 -10.62
C THR A 183 -8.28 -13.35 -9.47
N ASP A 184 -9.56 -13.52 -9.79
CA ASP A 184 -10.50 -13.95 -8.76
C ASP A 184 -10.14 -15.40 -8.22
N GLN A 185 -9.73 -16.30 -9.11
CA GLN A 185 -9.35 -17.63 -8.63
C GLN A 185 -8.11 -17.55 -7.74
N MET A 186 -7.24 -16.60 -8.03
CA MET A 186 -6.04 -16.45 -7.18
C MET A 186 -6.33 -15.93 -5.77
N THR A 187 -7.36 -15.12 -5.61
CA THR A 187 -7.53 -14.31 -4.42
C THR A 187 -8.85 -14.59 -3.74
N ARG A 188 -9.95 -14.65 -4.50
CA ARG A 188 -11.23 -15.12 -3.91
C ARG A 188 -11.76 -16.43 -4.58
N PRO A 189 -11.03 -17.53 -4.36
CA PRO A 189 -11.26 -18.78 -5.10
C PRO A 189 -12.69 -19.33 -4.97
N ASP A 190 -13.39 -19.50 -6.10
CA ASP A 190 -14.70 -20.20 -6.13
C ASP A 190 -14.50 -21.72 -6.04
N GLY A 191 -13.26 -22.19 -6.22
CA GLY A 191 -12.86 -23.57 -5.96
C GLY A 191 -12.74 -24.50 -7.16
N SER A 192 -12.77 -23.98 -8.39
CA SER A 192 -12.39 -24.84 -9.51
C SER A 192 -10.86 -25.02 -9.52
N MET A 193 -10.14 -23.90 -9.51
CA MET A 193 -8.73 -23.87 -9.83
C MET A 193 -7.97 -23.75 -8.56
N THR A 194 -6.83 -24.43 -8.44
CA THR A 194 -5.91 -24.10 -7.36
C THR A 194 -5.19 -22.77 -7.67
N PHE A 195 -4.54 -22.23 -6.64
CA PHE A 195 -3.79 -21.01 -6.76
C PHE A 195 -2.75 -21.18 -7.86
N ALA A 196 -1.99 -22.28 -7.80
CA ALA A 196 -0.94 -22.58 -8.80
C ALA A 196 -1.45 -22.73 -10.22
N GLU A 197 -2.60 -23.37 -10.40
CA GLU A 197 -3.21 -23.42 -11.71
C GLU A 197 -3.60 -22.03 -12.24
N ALA A 198 -4.19 -21.24 -11.35
CA ALA A 198 -4.69 -19.95 -11.74
C ALA A 198 -3.45 -19.10 -12.11
N LYS A 199 -2.39 -19.19 -11.30
CA LYS A 199 -1.16 -18.40 -11.56
C LYS A 199 -0.52 -18.82 -12.86
N GLU A 200 -0.45 -20.13 -13.11
CA GLU A 200 0.07 -20.63 -14.39
C GLU A 200 -0.73 -20.14 -15.58
N ALA A 201 -2.06 -20.07 -15.44
CA ALA A 201 -2.87 -19.55 -16.51
C ALA A 201 -2.62 -18.05 -16.74
N LEU A 202 -2.39 -17.29 -15.67
CA LEU A 202 -2.10 -15.86 -15.79
C LEU A 202 -0.76 -15.68 -16.53
N TYR A 203 0.22 -16.46 -16.12
CA TYR A 203 1.47 -16.49 -16.86
C TYR A 203 1.35 -16.87 -18.32
N ASP A 204 0.48 -17.83 -18.61
CA ASP A 204 0.23 -18.23 -20.01
C ASP A 204 -0.33 -17.08 -20.85
N TYR A 205 -1.10 -16.22 -20.20
CA TYR A 205 -1.63 -15.06 -20.89
C TYR A 205 -0.52 -14.01 -21.07
N LEU A 206 0.30 -13.79 -20.03
CA LEU A 206 1.31 -12.71 -20.10
C LEU A 206 2.49 -13.02 -20.99
N ILE A 207 2.95 -14.27 -20.99
CA ILE A 207 4.18 -14.66 -21.70
C ILE A 207 4.22 -14.22 -23.17
N PRO A 208 3.15 -14.48 -23.94
CA PRO A 208 3.19 -14.07 -25.34
C PRO A 208 3.21 -12.59 -25.53
N ILE A 209 2.57 -11.87 -24.62
CA ILE A 209 2.50 -10.40 -24.70
C ILE A 209 3.85 -9.80 -24.40
N ILE A 210 4.51 -10.29 -23.35
CA ILE A 210 5.85 -9.88 -23.03
C ILE A 210 6.78 -10.17 -24.21
N GLU A 211 6.66 -11.35 -24.79
CA GLU A 211 7.61 -11.71 -25.93
C GLU A 211 7.35 -10.74 -27.08
N GLN A 212 6.07 -10.47 -27.39
CA GLN A 212 5.72 -9.54 -28.44
C GLN A 212 6.29 -8.14 -28.17
N ARG A 213 6.17 -7.67 -26.94
CA ARG A 213 6.69 -6.35 -26.60
C ARG A 213 8.19 -6.16 -26.34
N ARG A 214 8.94 -7.24 -26.30
CA ARG A 214 10.39 -7.23 -26.37
C ARG A 214 10.84 -7.19 -27.86
N GLN A 215 10.03 -7.78 -28.70
CA GLN A 215 10.37 -7.84 -30.13
C GLN A 215 9.95 -6.53 -30.75
N LYS A 216 8.79 -6.03 -30.36
CA LYS A 216 8.32 -4.75 -30.85
C LYS A 216 7.75 -3.89 -29.70
N PRO A 217 8.62 -3.11 -29.05
CA PRO A 217 8.16 -2.36 -27.87
C PRO A 217 7.22 -1.22 -28.20
N GLY A 218 6.25 -0.98 -27.31
CA GLY A 218 5.42 0.22 -27.32
C GLY A 218 5.81 1.07 -26.12
N THR A 219 4.90 1.90 -25.64
CA THR A 219 5.15 2.79 -24.49
C THR A 219 4.23 2.46 -23.29
N ASP A 220 3.55 1.33 -23.35
CA ASP A 220 2.69 0.78 -22.28
C ASP A 220 3.55 0.19 -21.17
N ALA A 221 2.94 -0.10 -20.04
CA ALA A 221 3.67 -0.57 -18.90
C ALA A 221 4.34 -1.94 -19.11
N ILE A 222 3.76 -2.80 -19.91
CA ILE A 222 4.39 -4.11 -20.12
C ILE A 222 5.67 -3.92 -20.95
N SER A 223 5.63 -3.08 -21.98
CA SER A 223 6.82 -2.70 -22.76
C SER A 223 7.91 -2.14 -21.86
N ILE A 224 7.53 -1.25 -20.93
CA ILE A 224 8.51 -0.59 -20.09
C ILE A 224 9.16 -1.59 -19.13
N VAL A 225 8.36 -2.41 -18.49
CA VAL A 225 8.95 -3.40 -17.57
C VAL A 225 9.80 -4.41 -18.38
N ALA A 226 9.27 -4.85 -19.53
CA ALA A 226 9.85 -5.99 -20.23
C ALA A 226 11.13 -5.65 -20.99
N ASN A 227 11.38 -4.36 -21.21
CA ASN A 227 12.63 -3.85 -21.83
C ASN A 227 13.52 -3.07 -20.88
N GLY A 228 13.20 -3.17 -19.59
CA GLY A 228 13.95 -2.54 -18.57
C GLY A 228 15.26 -3.26 -18.22
N GLN A 229 16.00 -2.67 -17.28
CA GLN A 229 17.32 -3.19 -16.84
C GLN A 229 17.21 -3.60 -15.34
N VAL A 230 17.87 -4.70 -14.96
CA VAL A 230 18.13 -4.96 -13.52
C VAL A 230 19.55 -5.48 -13.43
N ASN A 231 20.26 -4.98 -12.44
CA ASN A 231 21.65 -5.36 -12.25
C ASN A 231 22.49 -5.05 -13.42
N GLY A 232 22.15 -4.00 -14.14
CA GLY A 232 23.01 -3.60 -15.26
C GLY A 232 22.85 -4.42 -16.52
N ARG A 233 21.85 -5.31 -16.63
CA ARG A 233 21.65 -6.08 -17.85
C ARG A 233 20.15 -6.09 -18.13
N PRO A 234 19.77 -6.42 -19.34
CA PRO A 234 18.34 -6.44 -19.65
C PRO A 234 17.57 -7.43 -18.78
N ILE A 235 16.41 -7.02 -18.34
CA ILE A 235 15.53 -7.87 -17.54
C ILE A 235 15.24 -9.17 -18.38
N THR A 236 15.14 -10.32 -17.72
CA THR A 236 14.73 -11.50 -18.42
C THR A 236 13.18 -11.56 -18.63
N SER A 237 12.72 -12.28 -19.64
CA SER A 237 11.29 -12.44 -19.83
C SER A 237 10.61 -13.01 -18.60
N ASP A 238 11.24 -13.94 -17.88
CA ASP A 238 10.62 -14.53 -16.72
C ASP A 238 10.56 -13.54 -15.56
N GLU A 239 11.59 -12.73 -15.37
CA GLU A 239 11.53 -11.67 -14.32
C GLU A 239 10.41 -10.70 -14.66
N ALA A 240 10.29 -10.35 -15.92
CA ALA A 240 9.25 -9.37 -16.33
C ALA A 240 7.89 -9.94 -16.07
N LYS A 241 7.70 -11.19 -16.40
CA LYS A 241 6.44 -11.88 -16.08
C LYS A 241 6.08 -11.86 -14.61
N ARG A 242 7.01 -12.22 -13.75
CA ARG A 242 6.75 -12.21 -12.30
C ARG A 242 6.48 -10.80 -11.74
N MET A 243 7.11 -9.78 -12.28
CA MET A 243 6.85 -8.38 -11.90
CA MET A 243 6.81 -8.43 -11.83
C MET A 243 5.49 -7.93 -12.38
N CYS A 244 5.18 -8.17 -13.67
CA CYS A 244 3.87 -7.81 -14.21
C CYS A 244 2.72 -8.51 -13.49
N GLY A 245 2.92 -9.76 -13.04
CA GLY A 245 1.87 -10.49 -12.36
C GLY A 245 1.52 -9.82 -11.04
N LEU A 246 2.57 -9.28 -10.37
CA LEU A 246 2.35 -8.61 -9.07
C LEU A 246 1.73 -7.23 -9.27
N LEU A 247 2.16 -6.55 -10.34
CA LEU A 247 1.58 -5.23 -10.62
C LEU A 247 0.09 -5.37 -10.92
N LEU A 248 -0.33 -6.53 -11.47
CA LEU A 248 -1.78 -6.78 -11.66
C LEU A 248 -2.48 -7.21 -10.32
N VAL A 249 -2.00 -8.24 -9.65
CA VAL A 249 -2.70 -8.84 -8.51
C VAL A 249 -2.59 -7.91 -7.32
N GLY A 250 -1.44 -7.26 -7.18
CA GLY A 250 -1.21 -6.30 -6.08
C GLY A 250 -2.10 -5.10 -6.04
N GLY A 251 -2.59 -4.67 -7.20
CA GLY A 251 -3.51 -3.54 -7.22
C GLY A 251 -4.96 -3.93 -7.35
N LEU A 252 -5.22 -5.21 -7.29
CA LEU A 252 -6.56 -5.66 -7.40
C LEU A 252 -7.11 -6.02 -6.02
N ASP A 253 -6.57 -7.05 -5.38
CA ASP A 253 -7.17 -7.64 -4.17
C ASP A 253 -7.35 -6.54 -3.10
N THR A 254 -6.32 -5.78 -2.99
CA THR A 254 -6.33 -4.75 -1.93
C THR A 254 -7.31 -3.66 -2.26
N VAL A 255 -7.30 -3.13 -3.48
CA VAL A 255 -8.19 -2.00 -3.86
C VAL A 255 -9.63 -2.45 -3.80
N VAL A 256 -9.93 -3.64 -4.34
CA VAL A 256 -11.32 -4.14 -4.35
C VAL A 256 -11.92 -4.16 -2.96
N ASN A 257 -11.17 -4.75 -2.04
CA ASN A 257 -11.67 -4.93 -0.71
C ASN A 257 -11.63 -3.61 0.08
N PHE A 258 -10.59 -2.79 -0.14
CA PHE A 258 -10.50 -1.56 0.61
C PHE A 258 -11.67 -0.62 0.22
N LEU A 259 -11.91 -0.44 -1.10
CA LEU A 259 -13.04 0.38 -1.56
C LEU A 259 -14.32 -0.12 -1.01
N SER A 260 -14.45 -1.46 -0.95
CA SER A 260 -15.68 -2.06 -0.40
C SER A 260 -15.86 -1.77 1.09
N PHE A 261 -14.80 -1.91 1.89
CA PHE A 261 -14.88 -1.54 3.31
C PHE A 261 -15.32 -0.09 3.45
N SER A 262 -14.72 0.79 2.64
CA SER A 262 -15.02 2.21 2.77
C SER A 262 -16.49 2.56 2.42
N MET A 263 -16.95 2.03 1.32
CA MET A 263 -18.31 2.25 0.94
C MET A 263 -19.35 1.57 1.89
N GLU A 264 -18.99 0.42 2.43
CA GLU A 264 -19.75 -0.21 3.50
C GLU A 264 -19.94 0.73 4.67
N PHE A 265 -18.86 1.37 5.05
CA PHE A 265 -18.91 2.32 6.17
C PHE A 265 -19.77 3.53 5.77
N LEU A 266 -19.55 4.09 4.58
CA LEU A 266 -20.26 5.34 4.20
C LEU A 266 -21.77 5.02 4.10
N ALA A 267 -22.11 3.80 3.66
CA ALA A 267 -23.54 3.40 3.53
C ALA A 267 -24.26 3.42 4.88
N LYS A 268 -23.52 3.24 5.96
CA LYS A 268 -24.05 3.16 7.32
C LYS A 268 -23.96 4.45 8.10
N SER A 269 -23.30 5.44 7.51
CA SER A 269 -22.83 6.61 8.25
C SER A 269 -23.24 7.91 7.55
N PRO A 270 -24.48 8.31 7.79
CA PRO A 270 -24.96 9.46 7.04
C PRO A 270 -24.25 10.79 7.35
N GLU A 271 -23.88 11.00 8.60
CA GLU A 271 -23.19 12.27 8.95
C GLU A 271 -21.82 12.32 8.26
N HIS A 272 -21.11 11.20 8.20
CA HIS A 272 -19.81 11.19 7.53
C HIS A 272 -19.93 11.40 6.07
N ARG A 273 -20.97 10.83 5.44
CA ARG A 273 -21.23 11.05 4.07
C ARG A 273 -21.54 12.49 3.78
N GLN A 274 -22.35 13.05 4.66
CA GLN A 274 -22.74 14.45 4.55
C GLN A 274 -21.56 15.40 4.66
N GLU A 275 -20.59 15.08 5.54
CA GLU A 275 -19.38 15.87 5.65
C GLU A 275 -18.72 15.97 4.32
N LEU A 276 -18.61 14.85 3.59
CA LEU A 276 -17.88 14.87 2.37
C LEU A 276 -18.65 15.45 1.17
N ILE A 277 -19.98 15.31 1.23
CA ILE A 277 -20.87 15.94 0.20
C ILE A 277 -20.75 17.50 0.32
N GLU A 278 -20.74 18.00 1.55
CA GLU A 278 -20.77 19.44 1.77
C GLU A 278 -19.39 20.05 1.65
N ARG A 279 -18.35 19.26 1.98
CA ARG A 279 -16.95 19.72 2.03
C ARG A 279 -16.06 18.73 1.27
N PRO A 280 -16.21 18.66 -0.06
CA PRO A 280 -15.39 17.74 -0.86
C PRO A 280 -13.89 17.98 -0.73
N GLU A 281 -13.48 19.15 -0.25
CA GLU A 281 -12.08 19.43 0.07
C GLU A 281 -11.54 18.55 1.18
N ARG A 282 -12.41 17.94 1.97
CA ARG A 282 -11.97 17.05 3.04
C ARG A 282 -11.76 15.60 2.56
N ILE A 283 -12.10 15.32 1.32
CA ILE A 283 -11.91 13.93 0.85
C ILE A 283 -10.49 13.40 1.00
N PRO A 284 -9.43 14.16 0.66
CA PRO A 284 -8.12 13.55 0.80
C PRO A 284 -7.84 13.14 2.23
N ALA A 285 -8.27 13.98 3.16
CA ALA A 285 -8.08 13.69 4.58
C ALA A 285 -8.92 12.48 4.98
N ALA A 286 -10.08 12.40 4.40
CA ALA A 286 -10.95 11.26 4.67
C ALA A 286 -10.38 9.95 4.17
N CYS A 287 -9.72 10.03 3.01
CA CYS A 287 -9.13 8.84 2.43
C CYS A 287 -8.09 8.33 3.44
N GLU A 288 -7.27 9.22 3.98
CA GLU A 288 -6.27 8.78 4.93
C GLU A 288 -6.86 8.13 6.17
N GLU A 289 -7.94 8.72 6.69
CA GLU A 289 -8.61 8.21 7.83
C GLU A 289 -9.35 6.92 7.53
N LEU A 290 -9.86 6.71 6.32
CA LEU A 290 -10.43 5.41 6.02
C LEU A 290 -9.33 4.35 5.85
N LEU A 291 -8.18 4.76 5.31
CA LEU A 291 -7.01 3.89 5.16
C LEU A 291 -6.60 3.35 6.51
N ARG A 292 -6.61 4.18 7.52
CA ARG A 292 -6.31 3.75 8.88
C ARG A 292 -7.37 2.85 9.47
N ARG A 293 -8.64 3.24 9.40
CA ARG A 293 -9.72 2.47 10.06
C ARG A 293 -10.03 1.13 9.43
N PHE A 294 -9.86 1.05 8.10
CA PHE A 294 -10.30 -0.12 7.33
C PHE A 294 -9.08 -0.75 6.68
N SER A 295 -7.92 -0.61 7.35
CA SER A 295 -6.69 -1.29 6.93
C SER A 295 -6.95 -2.77 6.86
N LEU A 296 -6.26 -3.44 5.93
CA LEU A 296 -6.64 -4.79 5.54
C LEU A 296 -5.55 -5.82 5.25
N VAL A 297 -4.29 -5.46 5.28
CA VAL A 297 -3.22 -6.37 4.95
C VAL A 297 -2.55 -6.87 6.21
N ALA A 298 -2.15 -8.15 6.16
CA ALA A 298 -1.37 -8.75 7.24
C ALA A 298 -0.40 -9.74 6.66
N ASP A 299 0.79 -9.29 6.37
CA ASP A 299 1.85 -10.23 6.09
C ASP A 299 2.91 -10.20 7.17
N GLY A 300 4.07 -10.72 6.82
CA GLY A 300 5.07 -10.86 7.88
C GLY A 300 6.44 -11.17 7.32
N ARG A 301 7.28 -11.76 8.19
CA ARG A 301 8.71 -11.87 7.91
C ARG A 301 9.20 -13.14 8.60
N ILE A 302 10.42 -13.53 8.23
CA ILE A 302 11.04 -14.77 8.85
C ILE A 302 12.38 -14.37 9.51
N LEU A 303 12.63 -14.94 10.69
CA LEU A 303 13.83 -14.63 11.41
C LEU A 303 15.05 -15.28 10.73
N THR A 304 16.05 -14.47 10.45
CA THR A 304 17.23 -14.95 9.79
C THR A 304 18.22 -15.51 10.82
N SER A 305 18.07 -15.11 12.07
CA SER A 305 18.91 -15.64 13.19
C SER A 305 18.18 -15.56 14.49
N ASP A 306 18.73 -16.18 15.53
CA ASP A 306 18.18 -16.04 16.84
C ASP A 306 18.31 -14.59 17.22
N TYR A 307 17.28 -14.02 17.83
CA TYR A 307 17.28 -12.60 18.14
C TYR A 307 16.32 -12.31 19.29
N GLU A 308 16.77 -11.53 20.24
CA GLU A 308 15.90 -11.08 21.31
C GLU A 308 15.20 -9.74 20.93
N PHE A 309 13.89 -9.74 21.02
CA PHE A 309 13.11 -8.57 20.58
C PHE A 309 12.11 -8.26 21.63
N HIS A 310 12.21 -7.06 22.25
CA HIS A 310 11.22 -6.65 23.24
C HIS A 310 10.99 -7.74 24.32
N GLY A 311 12.10 -8.29 24.78
CA GLY A 311 12.07 -9.20 25.91
C GLY A 311 11.60 -10.60 25.58
N VAL A 312 11.58 -10.90 24.29
CA VAL A 312 11.14 -12.22 23.81
C VAL A 312 12.23 -12.78 22.95
N GLN A 313 12.59 -14.04 23.18
CA GLN A 313 13.60 -14.68 22.40
C GLN A 313 12.97 -15.40 21.16
N LEU A 314 13.22 -14.82 19.98
CA LEU A 314 12.88 -15.34 18.71
C LEU A 314 13.99 -16.24 18.16
N LYS A 315 13.59 -17.32 17.52
CA LYS A 315 14.49 -18.33 16.97
C LYS A 315 14.59 -18.27 15.47
N LYS A 316 15.80 -18.44 14.98
CA LYS A 316 16.01 -18.53 13.53
C LYS A 316 15.01 -19.45 12.85
N GLY A 317 14.37 -18.96 11.78
CA GLY A 317 13.37 -19.71 11.10
C GLY A 317 11.91 -19.50 11.59
N ASP A 318 11.73 -18.89 12.77
CA ASP A 318 10.40 -18.61 13.29
C ASP A 318 9.82 -17.60 12.29
N GLN A 319 8.55 -17.75 11.98
CA GLN A 319 7.83 -16.65 11.26
C GLN A 319 7.18 -15.71 12.24
N ILE A 320 7.04 -14.45 11.80
CA ILE A 320 6.40 -13.44 12.62
C ILE A 320 5.41 -12.69 11.70
N LEU A 321 4.17 -12.69 12.15
CA LEU A 321 3.11 -11.88 11.52
C LEU A 321 3.28 -10.45 12.03
N LEU A 322 3.33 -9.49 11.11
CA LEU A 322 3.53 -8.06 11.47
C LEU A 322 2.36 -7.32 10.78
N PRO A 323 1.18 -7.41 11.34
CA PRO A 323 -0.05 -7.09 10.59
C PRO A 323 -0.15 -5.60 10.37
N GLN A 324 -0.01 -5.20 9.10
CA GLN A 324 -0.11 -3.76 8.73
C GLN A 324 -1.36 -3.19 9.30
N MET A 325 -2.43 -3.98 9.29
CA MET A 325 -3.73 -3.55 9.80
C MET A 325 -3.65 -2.94 11.19
N LEU A 326 -2.83 -3.55 12.07
CA LEU A 326 -2.93 -3.26 13.48
C LEU A 326 -2.31 -1.96 13.90
N SER A 327 -1.35 -1.40 13.18
CA SER A 327 -0.62 -0.28 13.70
C SER A 327 -1.55 0.92 13.92
N GLY A 328 -2.42 1.16 12.98
CA GLY A 328 -3.30 2.34 13.08
C GLY A 328 -4.45 2.11 14.05
N LEU A 329 -4.77 0.85 14.34
CA LEU A 329 -5.85 0.54 15.29
C LEU A 329 -5.40 0.56 16.71
N ASP A 330 -4.10 0.65 16.91
CA ASP A 330 -3.44 0.69 18.22
C ASP A 330 -3.84 2.03 18.93
N GLU A 331 -4.54 1.92 20.05
CA GLU A 331 -4.91 3.12 20.82
C GLU A 331 -3.71 3.96 21.23
N ARG A 332 -2.53 3.36 21.37
CA ARG A 332 -1.30 4.12 21.61
C ARG A 332 -0.90 5.02 20.44
N GLU A 333 -1.36 4.74 19.20
CA GLU A 333 -0.99 5.47 18.05
C GLU A 333 -2.13 6.50 17.71
N ASN A 334 -3.38 6.13 18.00
CA ASN A 334 -4.55 6.97 17.69
C ASN A 334 -5.60 6.77 18.77
N ALA A 335 -5.90 7.87 19.43
CA ALA A 335 -7.00 7.83 20.41
C ALA A 335 -8.32 7.40 19.78
N ALA A 336 -9.15 6.72 20.57
CA ALA A 336 -10.44 6.17 20.14
C ALA A 336 -10.29 5.58 18.73
N PRO A 337 -9.42 4.58 18.58
CA PRO A 337 -9.06 4.08 17.23
C PRO A 337 -10.18 3.51 16.42
N MET A 338 -11.26 3.05 17.03
CA MET A 338 -12.32 2.44 16.25
C MET A 338 -13.26 3.53 15.72
N HIS A 339 -13.09 4.76 16.21
CA HIS A 339 -13.89 5.89 15.71
C HIS A 339 -13.26 6.43 14.40
N VAL A 340 -14.11 6.73 13.42
CA VAL A 340 -13.67 7.39 12.20
C VAL A 340 -13.84 8.90 12.43
N ASP A 341 -12.75 9.62 12.32
CA ASP A 341 -12.74 11.07 12.54
C ASP A 341 -11.98 11.71 11.45
N PHE A 342 -12.69 12.27 10.46
CA PHE A 342 -12.02 12.78 9.29
C PHE A 342 -11.18 14.00 9.62
N SER A 343 -11.42 14.55 10.78
CA SER A 343 -10.65 15.71 11.23
C SER A 343 -9.47 15.39 12.16
N ARG A 344 -9.08 14.14 12.27
CA ARG A 344 -7.97 13.74 13.08
C ARG A 344 -6.75 14.45 12.78
N GLN A 345 -6.05 14.92 13.82
CA GLN A 345 -4.97 15.83 13.52
C GLN A 345 -3.77 15.12 12.92
N LYS A 346 -3.44 13.96 13.50
CA LYS A 346 -2.46 13.10 12.90
C LYS A 346 -3.03 11.67 12.75
N VAL A 347 -3.25 11.26 11.48
CA VAL A 347 -3.66 9.93 11.19
C VAL A 347 -2.40 9.05 11.10
N SER A 348 -2.18 8.28 12.13
CA SER A 348 -1.02 7.36 12.16
C SER A 348 -1.45 5.94 11.69
N HIS A 349 -0.74 5.43 10.67
CA HIS A 349 -1.02 4.09 10.23
C HIS A 349 0.16 3.52 9.48
N THR A 350 0.07 2.20 9.25
CA THR A 350 1.01 1.54 8.31
C THR A 350 0.23 0.74 7.27
N THR A 351 -0.87 1.27 6.77
CA THR A 351 -1.74 0.53 5.87
C THR A 351 -1.07 0.04 4.62
N PHE A 352 -0.13 0.83 4.12
CA PHE A 352 0.64 0.43 2.91
C PHE A 352 1.93 -0.32 3.28
N GLY A 353 2.07 -0.63 4.55
CA GLY A 353 3.34 -1.26 5.03
C GLY A 353 4.30 -0.21 5.50
N HIS A 354 5.54 -0.62 5.67
CA HIS A 354 6.56 0.25 6.30
C HIS A 354 7.89 -0.38 5.96
N GLY A 355 8.88 0.48 5.80
CA GLY A 355 10.22 0.04 5.41
C GLY A 355 10.41 -0.06 3.91
N SER A 356 11.40 -0.84 3.52
CA SER A 356 11.75 -0.86 2.09
C SER A 356 10.68 -1.48 1.21
N HIS A 357 9.73 -2.25 1.72
CA HIS A 357 8.63 -2.81 0.91
C HIS A 357 7.38 -2.00 0.93
N LEU A 358 7.38 -0.78 1.51
CA LEU A 358 6.16 0.05 1.54
C LEU A 358 5.55 0.04 0.10
N CYS A 359 4.23 -0.22 0.06
CA CYS A 359 3.51 -0.43 -1.20
C CYS A 359 4.00 0.52 -2.35
N LEU A 360 4.45 -0.11 -3.45
CA LEU A 360 4.82 0.60 -4.69
C LEU A 360 3.63 1.33 -5.27
N GLY A 361 2.44 0.80 -5.01
CA GLY A 361 1.14 1.35 -5.49
C GLY A 361 0.51 2.40 -4.63
N GLN A 362 1.22 2.83 -3.57
CA GLN A 362 0.62 3.73 -2.58
C GLN A 362 0.04 5.01 -3.19
N HIS A 363 0.77 5.61 -4.17
CA HIS A 363 0.24 6.82 -4.82
C HIS A 363 -0.96 6.54 -5.69
N LEU A 364 -0.90 5.49 -6.47
CA LEU A 364 -1.95 5.08 -7.31
C LEU A 364 -3.23 4.77 -6.46
N ALA A 365 -3.02 4.07 -5.36
CA ALA A 365 -4.14 3.63 -4.46
C ALA A 365 -4.80 4.86 -3.91
N ARG A 366 -4.06 5.84 -3.41
CA ARG A 366 -4.71 7.01 -2.87
C ARG A 366 -5.57 7.75 -3.94
N ARG A 367 -5.01 7.90 -5.13
CA ARG A 367 -5.77 8.58 -6.20
C ARG A 367 -7.01 7.75 -6.55
N GLU A 368 -6.92 6.41 -6.60
CA GLU A 368 -8.13 5.62 -6.84
C GLU A 368 -9.20 5.85 -5.77
N ILE A 369 -8.81 5.87 -4.53
CA ILE A 369 -9.78 6.10 -3.41
C ILE A 369 -10.39 7.51 -3.47
N ILE A 370 -9.56 8.56 -3.64
CA ILE A 370 -10.01 9.93 -3.71
C ILE A 370 -10.93 10.20 -4.89
N VAL A 371 -10.54 9.71 -6.03
CA VAL A 371 -11.41 9.84 -7.19
C VAL A 371 -12.71 9.07 -7.03
N THR A 372 -12.65 7.89 -6.40
CA THR A 372 -13.86 7.13 -6.17
C THR A 372 -14.85 7.90 -5.28
N LEU A 373 -14.37 8.43 -4.16
CA LEU A 373 -15.21 9.11 -3.25
C LEU A 373 -15.80 10.40 -3.87
N LYS A 374 -14.97 11.18 -4.58
CA LYS A 374 -15.39 12.46 -5.17
C LYS A 374 -16.42 12.21 -6.26
N GLU A 375 -16.18 11.24 -7.11
CA GLU A 375 -17.06 11.03 -8.24
C GLU A 375 -18.35 10.30 -7.85
N TRP A 376 -18.27 9.41 -6.87
CA TRP A 376 -19.47 8.75 -6.39
C TRP A 376 -20.37 9.71 -5.66
N LEU A 377 -19.85 10.47 -4.73
CA LEU A 377 -20.72 11.28 -3.84
C LEU A 377 -21.37 12.44 -4.58
N THR A 378 -20.73 12.86 -5.68
CA THR A 378 -21.29 13.94 -6.48
C THR A 378 -22.48 13.47 -7.31
N ARG A 379 -22.59 12.18 -7.59
CA ARG A 379 -23.65 11.60 -8.42
C ARG A 379 -24.68 10.81 -7.62
N ILE A 380 -24.21 10.03 -6.62
CA ILE A 380 -25.05 9.19 -5.80
C ILE A 380 -24.77 9.49 -4.30
N PRO A 381 -25.25 10.63 -3.80
CA PRO A 381 -24.89 11.08 -2.51
C PRO A 381 -25.50 10.23 -1.40
N ASP A 382 -26.67 9.67 -1.67
CA ASP A 382 -27.40 8.93 -0.68
C ASP A 382 -27.68 7.51 -1.07
N PHE A 383 -27.12 6.61 -0.31
CA PHE A 383 -27.20 5.17 -0.57
C PHE A 383 -27.12 4.41 0.73
N SER A 384 -27.58 3.19 0.74
CA SER A 384 -27.53 2.34 1.92
C SER A 384 -27.32 0.91 1.54
N ILE A 385 -27.09 0.06 2.55
CA ILE A 385 -26.92 -1.38 2.37
C ILE A 385 -28.31 -1.93 1.95
N ALA A 386 -28.36 -2.84 0.98
CA ALA A 386 -29.67 -3.37 0.52
C ALA A 386 -30.42 -3.98 1.69
N PRO A 387 -31.73 -3.70 1.77
CA PRO A 387 -32.48 -4.27 2.90
C PRO A 387 -32.39 -5.82 2.86
N GLY A 388 -32.24 -6.36 4.04
CA GLY A 388 -32.09 -7.76 4.27
C GLY A 388 -30.68 -8.26 4.12
N ALA A 389 -29.74 -7.42 3.67
CA ALA A 389 -28.40 -7.97 3.46
C ALA A 389 -27.65 -7.96 4.76
N GLN A 390 -26.83 -8.99 4.96
CA GLN A 390 -25.80 -8.86 6.03
C GLN A 390 -24.43 -9.10 5.37
N ILE A 391 -23.59 -8.11 5.49
CA ILE A 391 -22.37 -8.09 4.69
C ILE A 391 -21.47 -9.14 5.31
N GLN A 392 -20.99 -10.07 4.49
CA GLN A 392 -20.04 -11.11 4.86
C GLN A 392 -18.56 -10.71 4.59
N HIS A 393 -17.73 -10.98 5.57
CA HIS A 393 -16.31 -10.61 5.56
C HIS A 393 -15.45 -11.86 5.54
N LYS A 394 -14.22 -11.69 5.09
CA LYS A 394 -13.23 -12.78 5.11
C LYS A 394 -11.99 -12.19 5.72
N SER A 395 -11.21 -13.04 6.40
CA SER A 395 -9.95 -12.63 6.99
C SER A 395 -8.80 -13.42 6.42
N GLY A 396 -7.66 -12.81 6.23
CA GLY A 396 -6.48 -13.49 5.75
C GLY A 396 -5.37 -12.51 5.53
N ILE A 397 -4.50 -12.81 4.53
CA ILE A 397 -3.45 -11.94 4.19
C ILE A 397 -4.01 -10.58 3.70
N VAL A 398 -5.03 -10.64 2.86
CA VAL A 398 -5.80 -9.45 2.52
C VAL A 398 -7.21 -9.77 2.95
N SER A 399 -7.67 -9.04 3.95
CA SER A 399 -9.00 -9.24 4.47
C SER A 399 -10.00 -8.52 3.58
N GLY A 400 -11.26 -8.91 3.68
CA GLY A 400 -12.16 -8.36 2.63
C GLY A 400 -13.61 -8.52 2.84
N VAL A 401 -14.34 -8.10 1.78
CA VAL A 401 -15.78 -8.07 1.73
C VAL A 401 -16.24 -8.99 0.60
N GLN A 402 -17.15 -9.96 0.89
CA GLN A 402 -17.54 -10.88 -0.15
C GLN A 402 -18.37 -10.23 -1.22
N ALA A 403 -19.28 -9.35 -0.81
CA ALA A 403 -20.18 -8.66 -1.72
C ALA A 403 -20.75 -7.48 -0.96
N LEU A 404 -21.18 -6.45 -1.70
CA LEU A 404 -21.67 -5.22 -1.08
C LEU A 404 -22.86 -4.68 -1.83
N PRO A 405 -24.04 -5.24 -1.52
CA PRO A 405 -25.25 -4.75 -2.20
C PRO A 405 -25.67 -3.41 -1.68
N LEU A 406 -25.70 -2.41 -2.54
CA LEU A 406 -26.12 -1.06 -2.20
C LEU A 406 -27.41 -0.72 -2.96
N VAL A 407 -28.21 0.18 -2.40
CA VAL A 407 -29.44 0.68 -3.09
C VAL A 407 -29.53 2.18 -2.90
N TRP A 408 -30.24 2.88 -3.80
CA TRP A 408 -30.45 4.26 -3.68
C TRP A 408 -31.73 4.55 -4.51
N ASP A 409 -32.26 5.72 -4.27
CA ASP A 409 -33.40 6.23 -5.06
C ASP A 409 -32.89 7.05 -6.22
N PRO A 410 -33.12 6.62 -7.46
CA PRO A 410 -32.50 7.34 -8.55
C PRO A 410 -32.92 8.82 -8.64
N ALA A 411 -34.09 9.14 -8.09
CA ALA A 411 -34.55 10.54 -7.97
C ALA A 411 -33.71 11.40 -7.04
N THR A 412 -32.83 10.80 -6.24
CA THR A 412 -31.95 11.62 -5.39
C THR A 412 -30.56 11.79 -5.99
N THR A 413 -30.35 11.25 -7.20
CA THR A 413 -29.06 11.26 -7.83
C THR A 413 -28.96 12.40 -8.80
N LYS A 414 -27.76 12.61 -9.34
CA LYS A 414 -27.62 13.49 -10.47
C LYS A 414 -26.57 13.05 -11.45
N ALA A 415 -26.89 13.13 -12.74
CA ALA A 415 -25.89 13.00 -13.78
C ALA A 415 -25.18 14.32 -13.80
N VAL A 416 -23.87 14.33 -13.83
CA VAL A 416 -23.18 15.57 -14.12
C VAL A 416 -23.55 15.99 -15.56
N SER B 3 6.21 27.92 5.10
CA SER B 3 7.58 28.39 4.91
C SER B 3 8.07 27.97 3.52
N LYS B 4 9.00 28.76 2.97
CA LYS B 4 9.48 28.51 1.60
C LYS B 4 10.59 27.51 1.59
N VAL B 5 10.50 26.62 0.60
CA VAL B 5 11.54 25.68 0.33
C VAL B 5 11.79 25.78 -1.18
N VAL B 6 13.04 25.90 -1.53
CA VAL B 6 13.49 25.96 -2.94
C VAL B 6 14.26 24.69 -3.28
N TYR B 7 13.93 24.08 -4.41
CA TYR B 7 14.52 22.83 -4.87
C TYR B 7 15.12 23.18 -6.24
N VAL B 8 16.40 22.98 -6.37
CA VAL B 8 17.15 23.23 -7.59
C VAL B 8 17.63 21.92 -8.13
N SER B 9 17.23 21.64 -9.36
CA SER B 9 17.65 20.38 -10.01
C SER B 9 19.03 20.45 -10.53
N HIS B 10 19.54 19.30 -10.84
CA HIS B 10 20.86 19.20 -11.42
C HIS B 10 21.02 20.00 -12.71
N ASP B 11 19.96 20.13 -13.51
CA ASP B 11 20.09 20.95 -14.71
C ASP B 11 19.76 22.45 -14.51
N GLY B 12 19.58 22.87 -13.26
CA GLY B 12 19.36 24.26 -12.88
C GLY B 12 17.89 24.63 -12.75
N THR B 13 16.96 23.72 -13.11
CA THR B 13 15.53 23.95 -12.93
C THR B 13 15.24 24.33 -11.49
N ARG B 14 14.53 25.43 -11.28
CA ARG B 14 14.19 25.86 -9.93
C ARG B 14 12.73 25.69 -9.66
N ARG B 15 12.37 25.19 -8.48
CA ARG B 15 11.04 25.07 -8.02
C ARG B 15 10.97 25.61 -6.60
N GLU B 16 9.81 26.18 -6.24
CA GLU B 16 9.62 26.72 -4.89
C GLU B 16 8.25 26.25 -4.41
N LEU B 17 8.19 25.82 -3.15
CA LEU B 17 6.97 25.36 -2.49
C LEU B 17 6.77 26.12 -1.16
N ASP B 18 5.51 26.23 -0.74
CA ASP B 18 5.13 26.72 0.59
C ASP B 18 4.79 25.47 1.38
N VAL B 19 5.67 25.10 2.32
CA VAL B 19 5.53 23.85 3.00
C VAL B 19 5.12 24.10 4.50
N ALA B 20 4.09 23.39 4.89
CA ALA B 20 3.51 23.48 6.25
C ALA B 20 4.53 22.97 7.26
N ASP B 21 4.43 23.46 8.50
CA ASP B 21 5.29 22.98 9.58
C ASP B 21 5.01 21.49 9.71
N GLY B 22 6.02 20.67 9.94
CA GLY B 22 5.79 19.23 10.24
C GLY B 22 5.80 18.32 8.99
N VAL B 23 5.91 18.92 7.80
CA VAL B 23 5.88 18.18 6.56
C VAL B 23 7.31 18.02 6.15
N SER B 24 7.67 16.82 5.69
CA SER B 24 9.06 16.64 5.31
C SER B 24 9.29 17.20 3.90
N LEU B 25 10.54 17.49 3.62
CA LEU B 25 10.89 18.05 2.31
C LEU B 25 10.68 16.99 1.23
N MET B 26 10.81 15.71 1.60
CA MET B 26 10.40 14.66 0.64
C MET B 26 8.92 14.72 0.32
N GLN B 27 8.08 14.74 1.36
CA GLN B 27 6.63 14.64 1.16
C GLN B 27 6.19 15.80 0.32
N ALA B 28 6.71 16.97 0.63
CA ALA B 28 6.31 18.15 -0.16
C ALA B 28 6.69 17.99 -1.68
N ALA B 29 7.91 17.51 -1.91
CA ALA B 29 8.47 17.33 -3.30
C ALA B 29 7.58 16.34 -4.03
N VAL B 30 7.30 15.22 -3.40
CA VAL B 30 6.54 14.11 -4.05
C VAL B 30 5.10 14.52 -4.32
N SER B 31 4.52 15.38 -3.48
CA SER B 31 3.12 15.83 -3.68
C SER B 31 2.97 17.00 -4.62
N ASN B 32 4.07 17.56 -5.14
CA ASN B 32 4.02 18.82 -5.91
C ASN B 32 4.89 18.74 -7.15
N GLY B 33 5.07 17.53 -7.66
CA GLY B 33 5.73 17.37 -8.97
C GLY B 33 7.20 17.59 -9.08
N ILE B 34 7.92 17.46 -7.98
CA ILE B 34 9.37 17.55 -7.99
C ILE B 34 9.88 16.10 -8.15
N TYR B 35 9.84 15.64 -9.38
CA TYR B 35 9.97 14.22 -9.68
C TYR B 35 11.40 13.70 -9.60
N ASP B 36 12.39 14.61 -9.47
CA ASP B 36 13.75 14.14 -9.26
C ASP B 36 14.03 13.81 -7.77
N ILE B 37 13.01 13.87 -6.95
CA ILE B 37 13.07 13.23 -5.60
C ILE B 37 11.96 12.12 -5.73
N VAL B 38 12.31 10.87 -5.50
CA VAL B 38 11.38 9.76 -5.63
C VAL B 38 10.63 9.44 -4.35
N GLY B 39 11.34 9.35 -3.22
CA GLY B 39 10.68 8.99 -1.96
C GLY B 39 10.14 7.58 -1.86
N ASP B 40 10.85 6.62 -2.46
CA ASP B 40 10.31 5.27 -2.65
C ASP B 40 9.75 4.60 -1.39
N CYS B 41 10.50 4.66 -0.28
CA CYS B 41 10.07 3.96 0.95
C CYS B 41 9.02 4.67 1.73
N GLY B 42 8.64 5.89 1.31
CA GLY B 42 7.62 6.57 2.03
C GLY B 42 8.07 7.34 3.23
N GLY B 43 9.37 7.43 3.41
CA GLY B 43 9.92 8.33 4.39
C GLY B 43 10.46 7.79 5.70
N SER B 44 10.97 6.60 5.69
CA SER B 44 11.54 5.98 6.93
C SER B 44 13.07 5.74 6.93
N ALA B 45 13.81 6.44 6.06
CA ALA B 45 15.19 6.25 5.87
C ALA B 45 15.49 4.80 5.55
N SER B 46 14.71 4.28 4.59
CA SER B 46 14.80 2.86 4.24
C SER B 46 15.13 2.70 2.75
N CYS B 47 15.35 3.81 2.02
CA CYS B 47 15.70 3.66 0.57
C CYS B 47 16.78 4.55 -0.08
N ALA B 48 17.10 5.66 0.46
CA ALA B 48 18.09 6.52 -0.31
C ALA B 48 17.64 7.27 -1.59
N THR B 49 16.35 7.29 -1.92
CA THR B 49 15.80 7.94 -3.14
C THR B 49 15.20 9.33 -2.90
N CYS B 50 15.51 9.91 -1.74
CA CYS B 50 15.17 11.27 -1.37
C CYS B 50 16.46 12.10 -1.09
N HIS B 51 17.56 11.65 -1.64
CA HIS B 51 18.83 12.36 -1.46
C HIS B 51 18.80 13.76 -2.03
N VAL B 52 19.27 14.72 -1.22
CA VAL B 52 19.49 16.11 -1.65
C VAL B 52 20.82 16.66 -1.07
N TYR B 53 21.23 17.80 -1.56
CA TYR B 53 22.45 18.48 -1.04
C TYR B 53 21.93 19.77 -0.42
N VAL B 54 22.05 19.89 0.90
CA VAL B 54 21.46 21.03 1.60
C VAL B 54 22.41 22.25 1.40
N ASN B 55 21.85 23.37 0.95
CA ASN B 55 22.66 24.56 0.67
C ASN B 55 23.47 24.95 1.94
N GLU B 56 24.72 25.33 1.72
CA GLU B 56 25.62 25.57 2.90
C GLU B 56 25.17 26.75 3.78
N ALA B 57 24.23 27.59 3.34
CA ALA B 57 23.72 28.67 4.17
C ALA B 57 22.73 28.19 5.19
N PHE B 58 22.30 26.91 5.09
CA PHE B 58 21.24 26.38 5.94
C PHE B 58 21.60 25.18 6.81
N THR B 59 22.78 24.59 6.59
CA THR B 59 23.21 23.34 7.23
C THR B 59 23.24 23.40 8.80
N ASP B 60 23.51 24.56 9.38
CA ASP B 60 23.49 24.65 10.84
C ASP B 60 22.10 24.99 11.38
N LYS B 61 21.12 25.22 10.51
CA LYS B 61 19.75 25.34 10.96
C LYS B 61 19.03 23.99 10.96
N VAL B 62 19.60 23.01 10.27
CA VAL B 62 18.89 21.75 10.09
C VAL B 62 19.37 20.72 11.10
N PRO B 63 18.43 20.11 11.82
CA PRO B 63 18.84 19.06 12.76
C PRO B 63 19.64 17.96 12.12
N ALA B 64 20.66 17.51 12.86
CA ALA B 64 21.61 16.53 12.44
C ALA B 64 20.91 15.24 12.07
N ALA B 65 21.50 14.55 11.10
CA ALA B 65 21.08 13.18 10.76
C ALA B 65 21.22 12.22 11.95
N ASN B 66 20.29 11.30 12.07
CA ASN B 66 20.40 10.20 13.04
C ASN B 66 21.20 9.02 12.46
N GLU B 67 21.52 7.99 13.27
CA GLU B 67 22.36 6.89 12.76
C GLU B 67 21.72 6.13 11.60
N ARG B 68 20.39 6.05 11.61
CA ARG B 68 19.66 5.28 10.55
C ARG B 68 19.86 6.02 9.21
N GLU B 69 19.68 7.31 9.25
CA GLU B 69 19.93 8.12 8.04
C GLU B 69 21.39 8.04 7.61
N ILE B 70 22.36 8.08 8.54
CA ILE B 70 23.75 8.03 8.16
C ILE B 70 24.09 6.75 7.48
N GLY B 71 23.50 5.67 7.98
CA GLY B 71 23.65 4.34 7.42
C GLY B 71 23.10 4.24 6.02
N MET B 72 21.90 4.78 5.82
CA MET B 72 21.29 4.79 4.51
C MET B 72 21.98 5.70 3.51
N LEU B 73 22.58 6.80 3.99
CA LEU B 73 23.28 7.68 3.11
C LEU B 73 24.48 7.04 2.45
N GLU B 74 25.05 5.99 3.06
CA GLU B 74 26.07 5.20 2.39
C GLU B 74 25.65 4.50 1.09
N CYS B 75 24.35 4.35 0.83
CA CYS B 75 23.83 3.68 -0.36
C CYS B 75 23.38 4.64 -1.47
N VAL B 76 23.53 5.97 -1.27
CA VAL B 76 23.10 6.89 -2.32
C VAL B 76 23.87 6.57 -3.57
N THR B 77 23.23 6.72 -4.71
CA THR B 77 23.87 6.41 -5.99
C THR B 77 24.63 7.60 -6.62
N ALA B 78 24.15 8.81 -6.43
CA ALA B 78 24.88 10.02 -6.80
C ALA B 78 26.02 10.26 -5.81
N GLU B 79 26.89 11.18 -6.17
CA GLU B 79 27.98 11.53 -5.28
C GLU B 79 27.52 11.91 -3.90
N LEU B 80 28.15 11.31 -2.89
CA LEU B 80 27.87 11.59 -1.51
C LEU B 80 28.77 12.73 -1.11
N LYS B 81 28.19 13.83 -0.68
CA LYS B 81 28.90 15.05 -0.32
C LYS B 81 28.70 15.36 1.13
N PRO B 82 29.50 16.28 1.68
CA PRO B 82 29.31 16.58 3.12
C PRO B 82 27.94 17.06 3.54
N ASN B 83 27.23 17.75 2.64
CA ASN B 83 25.91 18.28 2.86
C ASN B 83 24.78 17.41 2.30
N SER B 84 25.11 16.21 1.91
CA SER B 84 24.08 15.18 1.60
C SER B 84 23.16 14.88 2.74
N ARG B 85 21.87 14.85 2.48
CA ARG B 85 20.84 14.42 3.41
C ARG B 85 19.79 13.62 2.67
N LEU B 86 19.05 12.85 3.45
CA LEU B 86 17.81 12.20 3.00
C LEU B 86 16.68 13.15 3.36
N CYS B 87 16.07 13.79 2.35
CA CYS B 87 15.09 14.82 2.71
C CYS B 87 13.81 14.41 3.34
N CYS B 88 13.50 13.11 3.43
CA CYS B 88 12.43 12.69 4.26
C CYS B 88 12.70 12.86 5.78
N GLN B 89 13.95 13.12 6.11
CA GLN B 89 14.40 13.29 7.52
C GLN B 89 14.42 14.80 7.86
N ILE B 90 14.14 15.66 6.87
CA ILE B 90 14.16 17.08 7.08
C ILE B 90 12.76 17.55 7.22
N ILE B 91 12.40 17.93 8.46
CA ILE B 91 11.04 18.34 8.76
C ILE B 91 10.87 19.86 8.77
N MET B 92 9.91 20.34 7.97
CA MET B 92 9.80 21.79 7.77
C MET B 92 9.43 22.47 9.12
N THR B 93 10.11 23.58 9.38
CA THR B 93 9.80 24.54 10.48
C THR B 93 9.98 25.98 9.99
N PRO B 94 9.28 26.94 10.65
CA PRO B 94 9.50 28.35 10.30
C PRO B 94 10.99 28.71 10.33
N GLU B 95 11.78 28.07 11.18
CA GLU B 95 13.25 28.23 11.22
C GLU B 95 13.95 27.99 9.89
N LEU B 96 13.37 27.12 9.08
CA LEU B 96 13.99 26.72 7.83
C LEU B 96 13.45 27.52 6.63
N ASP B 97 12.61 28.53 6.88
CA ASP B 97 12.11 29.38 5.80
C ASP B 97 13.22 29.82 4.82
N GLY B 98 13.03 29.54 3.53
CA GLY B 98 14.02 29.88 2.49
C GLY B 98 15.05 28.81 2.17
N ILE B 99 15.02 27.68 2.90
CA ILE B 99 16.05 26.63 2.72
C ILE B 99 16.10 26.29 1.21
N VAL B 100 17.30 26.16 0.69
CA VAL B 100 17.56 25.76 -0.69
C VAL B 100 18.14 24.35 -0.60
N VAL B 101 17.62 23.43 -1.40
CA VAL B 101 18.27 22.13 -1.54
C VAL B 101 18.53 21.85 -3.02
N ASP B 102 19.68 21.31 -3.29
CA ASP B 102 20.05 20.90 -4.67
C ASP B 102 19.75 19.40 -4.80
N VAL B 103 19.08 19.03 -5.88
CA VAL B 103 18.68 17.66 -6.10
C VAL B 103 19.70 17.02 -7.00
N PRO B 104 20.20 15.81 -6.63
CA PRO B 104 21.26 15.25 -7.39
C PRO B 104 20.80 14.71 -8.74
N ASP B 105 21.79 14.27 -9.51
CA ASP B 105 21.50 13.87 -10.86
C ASP B 105 20.88 12.49 -11.01
N ARG B 106 20.76 11.75 -9.92
CA ARG B 106 20.12 10.42 -9.88
C ARG B 106 19.71 10.08 -8.44
N GLN B 107 18.67 9.26 -8.30
CA GLN B 107 18.20 8.66 -7.07
C GLN B 107 18.27 7.14 -7.15
N TRP B 108 17.76 6.60 -8.24
CA TRP B 108 18.04 5.24 -8.58
C TRP B 108 19.48 4.96 -9.08
CHA HEM C . 3.18 -4.02 -1.53
CHB HEM C . -0.90 -2.51 0.78
CHC HEM C . -2.60 -0.97 -3.51
CHD HEM C . 1.19 -2.84 -5.79
C1A HEM C . 2.23 -3.71 -0.55
C2A HEM C . 2.44 -3.90 0.85
C3A HEM C . 1.27 -3.52 1.51
C4A HEM C . 0.36 -3.00 0.51
CMA HEM C . 0.97 -3.48 3.03
CAA HEM C . 3.72 -4.36 1.60
CBA HEM C . 3.66 -5.76 2.06
CGA HEM C . 4.96 -6.13 2.72
O1A HEM C . 5.75 -5.36 3.28
O2A HEM C . 5.30 -7.32 2.55
C1B HEM C . -1.70 -1.99 -0.22
C2B HEM C . -2.96 -1.42 0.02
C3B HEM C . -3.48 -0.99 -1.18
C4B HEM C . -2.46 -1.29 -2.19
CMB HEM C . -3.58 -1.32 1.37
CAB HEM C . -4.74 -0.32 -1.47
CBB HEM C . -5.58 0.21 -0.63
C1C HEM C . -1.69 -1.28 -4.50
C2C HEM C . -1.82 -0.94 -5.89
C3C HEM C . -0.74 -1.48 -6.50
C4C HEM C . 0.04 -2.18 -5.53
CMC HEM C . -2.87 0.03 -6.48
CAC HEM C . -0.55 -1.22 -7.94
CBC HEM C . 0.45 -1.54 -8.66
C1D HEM C . 2.01 -3.30 -4.77
C2D HEM C . 3.37 -3.86 -5.06
C3D HEM C . 3.88 -4.23 -3.91
C4D HEM C . 2.90 -3.82 -2.88
CMD HEM C . 3.91 -4.09 -6.49
CAD HEM C . 5.23 -4.88 -3.57
CBD HEM C . 6.24 -3.90 -2.98
CGD HEM C . 7.54 -4.58 -2.49
O1D HEM C . 8.61 -3.92 -2.62
O2D HEM C . 7.46 -5.74 -2.06
NA HEM C . 1.00 -3.13 -0.77
NB HEM C . -1.45 -1.91 -1.55
NC HEM C . -0.58 -2.02 -4.31
ND HEM C . 1.81 -3.23 -3.46
FE HEM C . 0.22 -2.55 -2.52
S SO4 D . -22.70 8.84 11.32
O1 SO4 D . -22.70 7.47 11.90
O2 SO4 D . -21.95 9.52 12.42
O3 SO4 D . -21.91 9.12 10.10
O4 SO4 D . -24.08 9.35 11.06
S SO4 E . -12.52 3.15 20.39
O1 SO4 E . -12.53 3.93 21.68
O2 SO4 E . -13.69 2.26 20.39
O3 SO4 E . -11.28 2.41 20.22
O4 SO4 E . -12.71 4.08 19.27
S SO4 F . 6.00 -19.68 31.02
O1 SO4 F . 5.10 -19.92 32.19
O2 SO4 F . 7.24 -18.91 31.36
O3 SO4 F . 5.11 -18.74 30.37
O4 SO4 F . 6.45 -20.86 30.17
S SO4 G . 13.06 -25.24 20.40
O1 SO4 G . 14.01 -24.94 21.53
O2 SO4 G . 11.66 -24.73 20.63
O3 SO4 G . 13.09 -26.73 20.32
O4 SO4 G . 13.54 -24.57 19.17
S1 DTT H . 0.90 -8.61 1.13
C1 DTT H . -0.60 -8.54 0.01
C2 DTT H . -0.34 -7.40 -0.97
O2 DTT H . -1.37 -7.19 -1.92
C3 DTT H . 0.74 -7.69 -1.95
O3 DTT H . 0.92 -6.63 -2.94
C4 DTT H . 2.00 -7.90 -1.14
S4 DTT H . 3.37 -7.79 -2.25
FE1 FES I . 13.13 6.55 1.57
FE2 FES I . 13.79 9.10 2.31
S1 FES I . 15.00 7.28 2.70
S2 FES I . 11.97 8.42 1.25
S SO4 J . 26.84 11.37 -10.03
O1 SO4 J . 27.91 10.40 -9.62
O2 SO4 J . 26.60 12.36 -8.87
O3 SO4 J . 27.23 12.16 -11.23
O4 SO4 J . 25.74 10.47 -10.54
#